data_4FC9
#
_entry.id   4FC9
#
_cell.length_a   119.198
_cell.length_b   119.198
_cell.length_c   38.679
_cell.angle_alpha   90.00
_cell.angle_beta   90.00
_cell.angle_gamma   120.00
#
_symmetry.space_group_name_H-M   'P 32'
#
loop_
_entity.id
_entity.type
_entity.pdbx_description
1 polymer 'uncharacterized protein'
2 non-polymer 'CHLORIDE ION'
3 non-polymer 1,2-ETHANEDIOL
4 water water
#
_entity_poly.entity_id   1
_entity_poly.type   'polypeptide(L)'
_entity_poly.pdbx_seq_one_letter_code
;(MSE)GSSHHHHHHSSGRENLYFQGSATASELLLTAALERIEDTAQA(MSE)LSTVIDEERNPFLEGAPSYLPGKRPTDV
TTFGQVPALRD(MSE)LAESRDLEFLQRVSD(MSE)AGPSPRIEDPSEEGLARHYTNVSNWKAQKSAHLGIVDHLGQFVY
HEGSPLDVATLAKAVQ(MSE)WKTRELIVHAHPQDRARFPELAVHIPEQVSDDSDSEQQTSPEPSGHQ
;
_entity_poly.pdbx_strand_id   B,A,C
#
loop_
_chem_comp.id
_chem_comp.type
_chem_comp.name
_chem_comp.formula
CL non-polymer 'CHLORIDE ION' 'Cl -1'
EDO non-polymer 1,2-ETHANEDIOL 'C2 H6 O2'
#
# COMPACT_ATOMS: atom_id res chain seq x y z
N ASN A 16 34.24 3.81 -46.75
CA ASN A 16 34.85 3.75 -48.07
C ASN A 16 35.19 5.13 -48.63
N LEU A 17 35.20 5.24 -49.96
CA LEU A 17 35.69 6.43 -50.65
C LEU A 17 34.81 7.66 -50.51
N TYR A 18 33.52 7.50 -50.79
CA TYR A 18 32.60 8.64 -50.76
C TYR A 18 31.59 8.52 -49.63
N PHE A 19 31.94 7.70 -48.64
CA PHE A 19 31.09 7.53 -47.46
C PHE A 19 31.76 8.07 -46.21
N GLN A 20 31.05 8.96 -45.52
CA GLN A 20 31.47 9.48 -44.23
C GLN A 20 30.47 9.05 -43.17
N GLY A 21 30.93 8.25 -42.22
CA GLY A 21 30.08 7.80 -41.14
C GLY A 21 29.67 8.89 -40.18
N SER A 22 28.57 8.66 -39.46
CA SER A 22 28.11 9.60 -38.44
C SER A 22 28.68 9.20 -37.08
N ALA A 23 29.16 10.18 -36.33
CA ALA A 23 29.75 9.92 -35.02
C ALA A 23 28.81 10.31 -33.90
N THR A 24 29.02 9.72 -32.73
CA THR A 24 28.15 10.00 -31.59
C THR A 24 28.90 10.69 -30.47
N ALA A 25 28.20 11.56 -29.74
CA ALA A 25 28.77 12.25 -28.60
C ALA A 25 29.11 11.26 -27.50
N SER A 26 30.20 11.48 -26.79
CA SER A 26 30.63 10.55 -25.75
C SER A 26 31.35 11.21 -24.58
N GLU A 27 31.25 10.59 -23.42
CA GLU A 27 32.08 10.95 -22.27
C GLU A 27 33.30 10.06 -22.28
N LEU A 28 34.44 10.64 -22.61
CA LEU A 28 35.65 9.87 -22.85
C LEU A 28 36.10 9.05 -21.66
N LEU A 29 35.91 9.58 -20.46
CA LEU A 29 36.34 8.86 -19.26
C LEU A 29 35.20 8.52 -18.33
N LEU A 30 35.28 7.33 -17.72
CA LEU A 30 34.35 6.99 -16.66
C LEU A 30 34.83 7.64 -15.37
N THR A 31 34.40 8.89 -15.17
CA THR A 31 34.71 9.62 -13.96
C THR A 31 33.85 9.06 -12.82
N ALA A 32 34.23 9.38 -11.59
CA ALA A 32 33.48 8.94 -10.43
C ALA A 32 32.03 9.44 -10.47
N ALA A 33 31.84 10.64 -11.02
CA ALA A 33 30.51 11.24 -11.12
C ALA A 33 29.62 10.45 -12.05
N LEU A 34 30.19 10.03 -13.19
CA LEU A 34 29.46 9.25 -14.18
C LEU A 34 29.16 7.85 -13.68
N GLU A 35 30.10 7.26 -12.95
CA GLU A 35 29.88 5.92 -12.43
C GLU A 35 28.74 5.94 -11.42
N ARG A 36 28.70 7.00 -10.62
CA ARG A 36 27.66 7.18 -9.62
C ARG A 36 26.27 7.34 -10.24
N ILE A 37 26.21 8.07 -11.36
CA ILE A 37 24.94 8.20 -12.08
C ILE A 37 24.47 6.82 -12.53
N GLU A 38 25.39 6.06 -13.11
CA GLU A 38 25.08 4.71 -13.56
C GLU A 38 24.65 3.80 -12.42
N ASP A 39 25.41 3.80 -11.33
CA ASP A 39 25.13 2.90 -10.22
C ASP A 39 23.79 3.23 -9.59
N THR A 40 23.50 4.52 -9.47
CA THR A 40 22.23 4.98 -8.92
C THR A 40 21.07 4.61 -9.84
N ALA A 41 21.21 4.88 -11.12
CA ALA A 41 20.19 4.55 -12.09
C ALA A 41 19.85 3.06 -12.00
N GLN A 42 20.88 2.24 -11.90
CA GLN A 42 20.71 0.80 -11.78
C GLN A 42 19.94 0.42 -10.51
N ALA A 43 20.28 1.07 -9.41
CA ALA A 43 19.61 0.84 -8.13
C ALA A 43 18.13 1.21 -8.21
N MSE A 44 17.84 2.33 -8.89
CA MSE A 44 16.47 2.78 -9.09
C MSE A 44 15.68 1.78 -9.94
O MSE A 44 14.54 1.46 -9.61
CB MSE A 44 16.45 4.15 -9.77
CG MSE A 44 16.99 5.25 -8.88
SE MSE A 44 17.32 6.92 -9.83
CE MSE A 44 15.48 7.51 -10.10
N LEU A 45 16.31 1.30 -11.00
CA LEU A 45 15.71 0.27 -11.85
C LEU A 45 15.43 -0.98 -11.03
N SER A 46 16.39 -1.35 -10.18
N SER A 46 16.39 -1.34 -10.19
CA SER A 46 16.22 -2.47 -9.29
CA SER A 46 16.22 -2.48 -9.30
C SER A 46 15.04 -2.23 -8.36
C SER A 46 15.03 -2.23 -8.37
N THR A 47 14.96 -1.04 -7.81
CA THR A 47 13.87 -0.67 -6.93
C THR A 47 12.53 -0.84 -7.64
N VAL A 48 12.43 -0.28 -8.84
CA VAL A 48 11.19 -0.36 -9.61
C VAL A 48 10.81 -1.78 -10.05
N ILE A 49 11.76 -2.50 -10.62
CA ILE A 49 11.47 -3.78 -11.27
C ILE A 49 11.56 -4.97 -10.32
N ASP A 50 12.61 -5.01 -9.51
CA ASP A 50 12.79 -6.09 -8.54
C ASP A 50 11.90 -5.87 -7.32
N GLU A 51 12.06 -4.73 -6.65
CA GLU A 51 11.37 -4.46 -5.40
C GLU A 51 9.93 -4.04 -5.60
N GLU A 52 9.59 -3.65 -6.82
CA GLU A 52 8.27 -3.12 -7.15
C GLU A 52 7.93 -1.93 -6.27
N ARG A 53 8.90 -1.05 -6.11
CA ARG A 53 8.76 0.15 -5.30
C ARG A 53 9.13 1.42 -6.09
N ASN A 54 8.67 2.56 -5.58
CA ASN A 54 8.76 3.84 -6.24
C ASN A 54 9.90 4.68 -5.64
N PRO A 55 11.04 4.77 -6.34
CA PRO A 55 12.20 5.50 -5.81
C PRO A 55 12.03 7.02 -5.82
N PHE A 56 10.90 7.49 -6.33
CA PHE A 56 10.68 8.93 -6.46
C PHE A 56 9.95 9.51 -5.26
N LEU A 57 9.51 8.64 -4.36
CA LEU A 57 8.86 9.09 -3.13
C LEU A 57 9.64 8.65 -1.91
N GLU A 58 9.67 9.50 -0.90
CA GLU A 58 10.29 9.22 0.38
C GLU A 58 9.89 7.85 0.91
N GLY A 59 10.88 7.05 1.26
CA GLY A 59 10.65 5.71 1.79
C GLY A 59 10.45 4.64 0.73
N ALA A 60 10.47 5.04 -0.53
CA ALA A 60 10.24 4.14 -1.65
C ALA A 60 9.01 3.25 -1.48
N PRO A 61 7.81 3.85 -1.43
CA PRO A 61 6.61 3.05 -1.22
C PRO A 61 6.33 2.15 -2.42
N SER A 62 5.56 1.08 -2.19
CA SER A 62 5.13 0.22 -3.28
C SER A 62 4.32 1.01 -4.28
N TYR A 63 4.32 0.59 -5.55
CA TYR A 63 3.40 1.15 -6.53
C TYR A 63 2.30 0.17 -6.87
N LEU A 64 2.34 -0.99 -6.25
CA LEU A 64 1.37 -2.04 -6.53
C LEU A 64 0.01 -1.73 -5.91
N PRO A 65 -1.06 -1.90 -6.69
CA PRO A 65 -2.41 -1.86 -6.15
C PRO A 65 -2.51 -2.82 -4.97
N GLY A 66 -3.02 -2.35 -3.85
CA GLY A 66 -3.10 -3.18 -2.66
C GLY A 66 -2.05 -2.84 -1.63
N LYS A 67 -0.92 -2.28 -2.07
CA LYS A 67 0.19 -1.95 -1.18
C LYS A 67 0.53 -0.46 -1.23
N ARG A 68 0.23 0.16 -2.37
CA ARG A 68 0.59 1.55 -2.63
C ARG A 68 -0.09 2.55 -1.69
N PRO A 69 0.42 3.79 -1.62
CA PRO A 69 -0.28 4.80 -0.82
C PRO A 69 -1.63 5.04 -1.43
N THR A 70 -2.66 5.14 -0.59
CA THR A 70 -4.02 5.25 -1.04
C THR A 70 -4.21 6.39 -2.04
N ASP A 71 -3.56 7.52 -1.81
CA ASP A 71 -3.78 8.73 -2.60
C ASP A 71 -2.74 8.97 -3.70
N VAL A 72 -1.94 7.97 -4.02
CA VAL A 72 -0.95 8.12 -5.07
C VAL A 72 -1.06 7.01 -6.11
N THR A 73 -1.65 7.34 -7.25
CA THR A 73 -1.87 6.34 -8.29
C THR A 73 -1.46 6.84 -9.68
N THR A 74 -1.03 8.09 -9.78
CA THR A 74 -0.66 8.69 -11.05
C THR A 74 0.64 9.49 -10.99
N PHE A 75 1.22 9.76 -12.15
CA PHE A 75 2.43 10.56 -12.25
C PHE A 75 2.27 11.94 -11.64
N GLY A 76 1.11 12.56 -11.88
CA GLY A 76 0.88 13.91 -11.43
C GLY A 76 0.87 14.05 -9.92
N GLN A 77 0.62 12.94 -9.24
CA GLN A 77 0.55 12.93 -7.78
C GLN A 77 1.93 12.73 -7.13
N VAL A 78 2.94 12.51 -7.97
CA VAL A 78 4.31 12.44 -7.50
C VAL A 78 5.07 13.66 -8.01
N PRO A 79 5.46 14.55 -7.10
CA PRO A 79 6.14 15.82 -7.45
C PRO A 79 7.32 15.66 -8.40
N ALA A 80 8.22 14.71 -8.12
CA ALA A 80 9.38 14.50 -8.96
C ALA A 80 8.99 14.14 -10.39
N LEU A 81 7.90 13.37 -10.53
CA LEU A 81 7.46 12.92 -11.84
C LEU A 81 6.70 14.02 -12.57
N ARG A 82 5.97 14.83 -11.82
CA ARG A 82 5.30 15.98 -12.41
C ARG A 82 6.36 16.92 -12.95
N ASP A 83 7.46 17.07 -12.23
CA ASP A 83 8.57 17.93 -12.65
C ASP A 83 9.20 17.43 -13.94
N MSE A 84 9.55 16.16 -13.97
CA MSE A 84 10.25 15.58 -15.12
C MSE A 84 9.37 15.51 -16.34
O MSE A 84 9.84 15.64 -17.46
CB MSE A 84 10.81 14.21 -14.78
CG MSE A 84 11.94 14.27 -13.76
SE MSE A 84 13.02 12.64 -13.78
CE MSE A 84 11.64 11.40 -13.28
N LEU A 85 8.07 15.34 -16.13
CA LEU A 85 7.11 15.40 -17.22
C LEU A 85 7.22 16.75 -17.93
N ALA A 86 7.26 17.83 -17.16
CA ALA A 86 7.39 19.16 -17.73
C ALA A 86 8.71 19.37 -18.46
N GLU A 87 9.80 18.91 -17.84
CA GLU A 87 11.13 18.99 -18.44
C GLU A 87 11.17 18.29 -19.80
N SER A 88 10.47 17.16 -19.89
CA SER A 88 10.48 16.36 -21.11
C SER A 88 9.73 17.05 -22.26
N ARG A 89 8.96 18.07 -21.94
CA ARG A 89 8.27 18.86 -22.95
C ARG A 89 9.08 20.10 -23.31
N ASP A 90 10.17 20.33 -22.57
CA ASP A 90 10.98 21.53 -22.72
C ASP A 90 11.96 21.44 -23.90
N LEU A 91 11.93 22.45 -24.76
CA LEU A 91 12.77 22.48 -25.95
C LEU A 91 14.24 22.39 -25.63
N GLU A 92 14.64 22.97 -24.51
CA GLU A 92 16.04 23.00 -24.14
C GLU A 92 16.48 21.60 -23.74
N PHE A 93 15.60 20.87 -23.07
CA PHE A 93 15.87 19.48 -22.73
C PHE A 93 15.96 18.62 -23.98
N LEU A 94 14.98 18.75 -24.86
CA LEU A 94 14.93 17.96 -26.08
C LEU A 94 16.14 18.25 -26.97
N GLN A 95 16.59 19.50 -26.97
CA GLN A 95 17.79 19.90 -27.70
C GLN A 95 19.01 19.15 -27.16
N ARG A 96 19.13 19.04 -25.84
CA ARG A 96 20.25 18.33 -25.22
C ARG A 96 20.23 16.85 -25.54
N VAL A 97 19.04 16.27 -25.58
CA VAL A 97 18.89 14.87 -25.94
C VAL A 97 19.40 14.64 -27.35
N SER A 98 19.03 15.54 -28.27
CA SER A 98 19.48 15.44 -29.65
C SER A 98 20.99 15.62 -29.74
N ASP A 99 21.53 16.50 -28.91
CA ASP A 99 22.96 16.75 -28.91
C ASP A 99 23.73 15.51 -28.48
N MSE A 100 23.20 14.80 -27.50
N MSE A 100 23.19 14.81 -27.49
CA MSE A 100 23.89 13.61 -27.02
CA MSE A 100 23.83 13.61 -26.98
C MSE A 100 23.67 12.39 -27.93
C MSE A 100 23.68 12.47 -27.99
O MSE A 100 24.58 11.59 -28.11
O MSE A 100 24.65 11.78 -28.30
CB MSE A 100 23.50 13.31 -25.57
CB MSE A 100 23.23 13.20 -25.64
CG MSE A 100 24.30 14.14 -24.57
CG MSE A 100 24.28 12.82 -24.60
SE MSE A 100 23.74 13.85 -22.74
SE MSE A 100 23.67 11.46 -23.34
CE MSE A 100 23.80 11.90 -22.74
CE MSE A 100 22.06 12.35 -22.69
N ALA A 101 22.47 12.28 -28.48
CA ALA A 101 22.19 11.22 -29.44
C ALA A 101 22.89 11.48 -30.76
N GLY A 102 23.04 12.76 -31.09
CA GLY A 102 23.64 13.15 -32.35
C GLY A 102 22.61 13.14 -33.45
N PRO A 103 23.04 13.38 -34.69
CA PRO A 103 22.14 13.38 -35.84
C PRO A 103 21.79 11.95 -36.24
N SER A 104 20.84 11.80 -37.16
CA SER A 104 20.47 10.49 -37.67
C SER A 104 21.70 9.80 -38.27
N PRO A 105 21.91 8.54 -37.89
CA PRO A 105 23.11 7.79 -38.31
C PRO A 105 23.25 7.68 -39.82
N ARG A 106 24.48 7.85 -40.29
CA ARG A 106 24.81 7.70 -41.70
C ARG A 106 25.84 6.60 -41.81
N ILE A 107 25.63 5.70 -42.76
CA ILE A 107 26.51 4.54 -42.87
C ILE A 107 27.93 4.95 -43.32
N GLU A 108 28.92 4.33 -42.69
CA GLU A 108 30.32 4.71 -42.88
C GLU A 108 30.96 4.02 -44.07
N ASP A 109 30.40 2.86 -44.43
CA ASP A 109 31.00 2.01 -45.44
C ASP A 109 29.91 1.11 -46.00
N PRO A 110 29.74 1.09 -47.33
CA PRO A 110 28.71 0.26 -47.96
C PRO A 110 29.16 -1.19 -48.00
N SER A 111 29.24 -1.81 -46.83
CA SER A 111 29.66 -3.19 -46.73
C SER A 111 28.87 -3.86 -45.61
N GLU A 112 28.94 -5.18 -45.54
CA GLU A 112 28.24 -5.92 -44.49
C GLU A 112 28.72 -5.51 -43.09
N GLU A 113 30.03 -5.30 -42.94
CA GLU A 113 30.56 -4.79 -41.67
C GLU A 113 30.04 -3.39 -41.41
N GLY A 114 30.00 -2.56 -42.46
CA GLY A 114 29.51 -1.20 -42.34
C GLY A 114 28.05 -1.20 -41.94
N LEU A 115 27.29 -2.09 -42.55
CA LEU A 115 25.87 -2.21 -42.29
C LEU A 115 25.60 -2.70 -40.88
N ALA A 116 26.40 -3.67 -40.44
CA ALA A 116 26.31 -4.20 -39.10
C ALA A 116 26.49 -3.08 -38.07
N ARG A 117 27.53 -2.27 -38.27
CA ARG A 117 27.79 -1.13 -37.40
C ARG A 117 26.66 -0.11 -37.48
N HIS A 118 26.12 0.07 -38.68
CA HIS A 118 25.02 1.00 -38.88
C HIS A 118 23.80 0.57 -38.09
N TYR A 119 23.49 -0.73 -38.14
CA TYR A 119 22.41 -1.31 -37.34
C TYR A 119 22.54 -0.90 -35.89
N THR A 120 23.74 -1.06 -35.36
CA THR A 120 24.02 -0.77 -33.96
C THR A 120 23.90 0.72 -33.68
N ASN A 121 24.41 1.53 -34.60
CA ASN A 121 24.30 2.99 -34.48
C ASN A 121 22.85 3.47 -34.44
N VAL A 122 22.01 2.84 -35.25
CA VAL A 122 20.60 3.21 -35.33
C VAL A 122 19.83 2.80 -34.08
N SER A 123 20.07 1.59 -33.59
CA SER A 123 19.50 1.13 -32.33
C SER A 123 19.85 2.07 -31.19
N ASN A 124 21.15 2.37 -31.06
CA ASN A 124 21.63 3.25 -30.00
C ASN A 124 21.04 4.66 -30.08
N TRP A 125 20.96 5.18 -31.29
CA TRP A 125 20.39 6.49 -31.55
C TRP A 125 18.92 6.54 -31.13
N LYS A 126 18.13 5.56 -31.57
CA LYS A 126 16.73 5.46 -31.18
C LYS A 126 16.62 5.35 -29.65
N ALA A 127 17.48 4.52 -29.07
CA ALA A 127 17.48 4.31 -27.62
C ALA A 127 17.69 5.63 -26.88
N GLN A 128 18.69 6.40 -27.30
CA GLN A 128 18.97 7.69 -26.67
C GLN A 128 17.86 8.70 -26.92
N LYS A 129 17.36 8.76 -28.14
CA LYS A 129 16.32 9.73 -28.51
C LYS A 129 15.06 9.59 -27.66
N SER A 130 14.77 8.37 -27.21
CA SER A 130 13.51 8.10 -26.53
C SER A 130 13.67 7.75 -25.05
N ALA A 131 14.85 8.02 -24.50
CA ALA A 131 15.10 7.77 -23.08
C ALA A 131 14.58 8.91 -22.20
N HIS A 132 13.31 9.25 -22.38
CA HIS A 132 12.68 10.31 -21.58
C HIS A 132 11.16 10.22 -21.61
N LEU A 133 10.51 11.07 -20.83
CA LEU A 133 9.07 10.96 -20.60
C LEU A 133 8.24 11.81 -21.56
N GLY A 134 8.88 12.35 -22.59
CA GLY A 134 8.19 13.25 -23.50
C GLY A 134 7.97 12.68 -24.89
N ILE A 135 8.13 11.36 -25.02
CA ILE A 135 7.97 10.71 -26.31
C ILE A 135 6.51 10.59 -26.71
N VAL A 136 6.27 10.48 -28.01
CA VAL A 136 4.91 10.45 -28.53
C VAL A 136 4.57 9.11 -29.20
N ASP A 137 3.29 8.79 -29.25
CA ASP A 137 2.84 7.56 -29.88
C ASP A 137 2.66 7.75 -31.38
N HIS A 138 2.12 6.74 -32.05
CA HIS A 138 1.95 6.78 -33.49
C HIS A 138 0.96 7.87 -33.93
N LEU A 139 0.19 8.42 -32.99
CA LEU A 139 -0.75 9.49 -33.31
C LEU A 139 -0.22 10.85 -32.88
N GLY A 140 1.02 10.89 -32.43
CA GLY A 140 1.66 12.14 -32.04
C GLY A 140 1.29 12.60 -30.64
N GLN A 141 0.61 11.72 -29.90
CA GLN A 141 0.20 12.04 -28.53
C GLN A 141 1.23 11.56 -27.52
N PHE A 142 1.43 12.34 -26.47
CA PHE A 142 2.40 12.00 -25.43
C PHE A 142 2.05 10.68 -24.78
N VAL A 143 3.03 9.79 -24.71
CA VAL A 143 2.82 8.48 -24.10
C VAL A 143 2.63 8.64 -22.60
N TYR A 144 3.42 9.53 -22.00
CA TYR A 144 3.39 9.73 -20.56
C TYR A 144 2.90 11.12 -20.21
N HIS A 145 1.96 11.18 -19.26
CA HIS A 145 1.38 12.44 -18.83
C HIS A 145 1.01 12.37 -17.36
N GLU A 146 0.42 13.44 -16.83
CA GLU A 146 0.10 13.52 -15.40
C GLU A 146 -0.89 12.44 -14.95
N GLY A 147 -1.69 11.94 -15.88
CA GLY A 147 -2.64 10.90 -15.56
C GLY A 147 -2.11 9.48 -15.76
N SER A 148 -0.83 9.37 -16.10
CA SER A 148 -0.21 8.07 -16.31
C SER A 148 -0.17 7.25 -15.02
N PRO A 149 -0.43 5.94 -15.13
CA PRO A 149 -0.35 5.06 -13.96
C PRO A 149 1.09 4.90 -13.51
N LEU A 150 1.26 4.59 -12.24
CA LEU A 150 2.55 4.21 -11.70
C LEU A 150 2.64 2.70 -11.78
N ASP A 151 3.37 2.22 -12.78
CA ASP A 151 3.59 0.78 -12.91
C ASP A 151 5.03 0.52 -13.35
N VAL A 152 5.35 -0.73 -13.59
CA VAL A 152 6.74 -1.10 -13.89
C VAL A 152 7.30 -0.39 -15.13
N ALA A 153 6.50 -0.31 -16.19
CA ALA A 153 6.93 0.28 -17.45
C ALA A 153 7.03 1.79 -17.38
N THR A 154 6.04 2.44 -16.77
CA THR A 154 6.04 3.89 -16.69
C THR A 154 7.14 4.36 -15.75
N LEU A 155 7.31 3.67 -14.63
CA LEU A 155 8.35 4.04 -13.69
C LEU A 155 9.75 3.73 -14.22
N ALA A 156 9.88 2.64 -14.98
CA ALA A 156 11.16 2.33 -15.59
C ALA A 156 11.54 3.44 -16.56
N LYS A 157 10.57 3.96 -17.29
CA LYS A 157 10.85 5.07 -18.20
C LYS A 157 11.27 6.32 -17.42
N ALA A 158 10.64 6.54 -16.27
CA ALA A 158 11.00 7.69 -15.44
C ALA A 158 12.42 7.60 -14.93
N VAL A 159 12.86 6.39 -14.60
CA VAL A 159 14.24 6.16 -14.18
C VAL A 159 15.19 6.41 -15.34
N GLN A 160 14.79 5.97 -16.54
CA GLN A 160 15.55 6.25 -17.75
C GLN A 160 15.78 7.73 -17.90
N MSE A 161 14.73 8.52 -17.71
CA MSE A 161 14.83 9.95 -17.85
C MSE A 161 15.67 10.56 -16.75
O MSE A 161 16.36 11.55 -16.97
CB MSE A 161 13.47 10.63 -17.90
CG MSE A 161 13.63 12.08 -18.32
SE MSE A 161 12.05 13.12 -18.31
CE MSE A 161 12.89 14.89 -18.36
N TRP A 162 15.63 9.95 -15.56
CA TRP A 162 16.48 10.43 -14.48
C TRP A 162 17.93 10.33 -14.90
N LYS A 163 18.32 9.17 -15.43
CA LYS A 163 19.67 9.00 -15.93
C LYS A 163 19.97 10.00 -17.04
N THR A 164 19.04 10.14 -17.97
CA THR A 164 19.21 11.05 -19.10
C THR A 164 19.52 12.48 -18.67
N ARG A 165 18.74 13.01 -17.73
CA ARG A 165 18.93 14.38 -17.27
C ARG A 165 20.22 14.54 -16.46
N GLU A 166 20.61 13.48 -15.75
CA GLU A 166 21.86 13.52 -15.00
C GLU A 166 23.07 13.44 -15.93
N LEU A 167 22.95 12.72 -17.04
CA LEU A 167 24.01 12.68 -18.04
C LEU A 167 24.16 14.03 -18.76
N ILE A 168 23.03 14.68 -19.01
CA ILE A 168 23.04 16.02 -19.60
C ILE A 168 23.78 17.01 -18.71
N VAL A 169 23.47 16.97 -17.41
CA VAL A 169 24.09 17.89 -16.45
C VAL A 169 25.57 17.60 -16.22
N HIS A 170 25.94 16.32 -16.32
CA HIS A 170 27.35 15.98 -16.19
C HIS A 170 28.13 16.58 -17.36
N ALA A 171 27.56 16.49 -18.55
CA ALA A 171 28.18 17.02 -19.74
C ALA A 171 28.14 18.54 -19.76
N HIS A 172 27.04 19.12 -19.27
CA HIS A 172 26.89 20.57 -19.21
C HIS A 172 26.43 21.03 -17.84
N PRO A 173 27.37 21.16 -16.90
CA PRO A 173 27.07 21.46 -15.50
C PRO A 173 26.18 22.69 -15.29
N GLN A 174 26.28 23.68 -16.17
CA GLN A 174 25.46 24.89 -16.08
C GLN A 174 23.97 24.61 -16.27
N ASP A 175 23.66 23.43 -16.80
CA ASP A 175 22.27 23.02 -17.03
C ASP A 175 21.62 22.54 -15.74
N ARG A 176 22.40 22.43 -14.67
CA ARG A 176 21.88 21.99 -13.38
C ARG A 176 20.80 22.94 -12.88
N ALA A 177 20.99 24.23 -13.12
CA ALA A 177 20.02 25.22 -12.70
C ALA A 177 18.67 24.97 -13.37
N ARG A 178 18.70 24.46 -14.60
CA ARG A 178 17.48 24.21 -15.36
C ARG A 178 16.85 22.87 -15.02
N PHE A 179 17.70 21.91 -14.72
CA PHE A 179 17.27 20.57 -14.37
C PHE A 179 17.82 20.25 -13.00
N PRO A 180 17.09 20.68 -11.96
CA PRO A 180 17.49 20.60 -10.55
C PRO A 180 17.72 19.17 -10.11
N GLU A 181 18.53 19.00 -9.08
CA GLU A 181 18.69 17.69 -8.50
C GLU A 181 17.35 17.26 -7.92
N LEU A 182 17.02 16.00 -8.11
CA LEU A 182 15.81 15.44 -7.55
C LEU A 182 16.20 14.38 -6.55
N ALA A 183 15.48 14.32 -5.44
CA ALA A 183 15.73 13.32 -4.42
C ALA A 183 15.27 11.97 -4.92
N VAL A 184 16.12 10.97 -4.80
CA VAL A 184 15.73 9.62 -5.13
C VAL A 184 15.83 8.77 -3.88
N HIS A 185 15.01 7.74 -3.80
CA HIS A 185 14.91 6.97 -2.57
C HIS A 185 15.10 5.48 -2.82
N ILE A 186 16.26 4.99 -2.44
CA ILE A 186 16.60 3.59 -2.61
C ILE A 186 16.36 2.86 -1.29
N PRO A 187 15.62 1.74 -1.35
CA PRO A 187 15.38 0.90 -0.17
C PRO A 187 16.68 0.58 0.55
N GLU A 188 16.60 0.47 1.87
CA GLU A 188 17.73 0.11 2.72
C GLU A 188 18.15 -1.34 2.45
N GLN A 189 17.41 -1.99 1.55
CA GLN A 189 17.72 -3.32 1.06
C GLN A 189 18.65 -3.27 -0.15
N VAL A 190 18.18 -2.67 -1.25
CA VAL A 190 18.91 -2.66 -2.52
C VAL A 190 20.33 -2.16 -2.38
N LEU B 17 -57.71 -6.31 -0.65
CA LEU B 17 -58.34 -5.46 -1.67
C LEU B 17 -57.45 -4.30 -2.09
N TYR B 18 -56.69 -3.76 -1.13
CA TYR B 18 -55.82 -2.63 -1.42
C TYR B 18 -54.35 -2.93 -1.20
N PHE B 19 -53.99 -4.20 -1.27
CA PHE B 19 -52.59 -4.60 -1.12
C PHE B 19 -52.08 -5.28 -2.38
N GLN B 20 -51.11 -4.65 -3.02
CA GLN B 20 -50.40 -5.27 -4.14
C GLN B 20 -49.00 -5.65 -3.69
N GLY B 21 -48.66 -6.93 -3.82
CA GLY B 21 -47.36 -7.40 -3.40
C GLY B 21 -46.29 -7.02 -4.39
N SER B 22 -45.06 -6.83 -3.91
CA SER B 22 -43.95 -6.57 -4.81
C SER B 22 -43.54 -7.87 -5.51
N ALA B 23 -42.65 -7.76 -6.49
CA ALA B 23 -42.17 -8.92 -7.22
C ALA B 23 -40.70 -8.73 -7.64
N THR B 24 -40.00 -9.84 -7.87
CA THR B 24 -38.60 -9.77 -8.29
C THR B 24 -38.39 -10.34 -9.69
N ALA B 25 -37.36 -9.83 -10.37
CA ALA B 25 -36.98 -10.35 -11.67
C ALA B 25 -36.29 -11.69 -11.48
N SER B 26 -36.81 -12.73 -12.12
CA SER B 26 -36.22 -14.04 -11.99
C SER B 26 -35.97 -14.72 -13.33
N GLU B 27 -35.12 -15.73 -13.30
CA GLU B 27 -34.91 -16.57 -14.46
C GLU B 27 -35.99 -17.64 -14.41
N LEU B 28 -36.85 -17.65 -15.42
CA LEU B 28 -37.97 -18.57 -15.46
C LEU B 28 -37.53 -20.01 -15.63
N LEU B 29 -36.47 -20.21 -16.39
CA LEU B 29 -35.95 -21.55 -16.62
C LEU B 29 -34.52 -21.76 -16.15
N LEU B 30 -34.26 -22.96 -15.64
CA LEU B 30 -32.91 -23.40 -15.33
C LEU B 30 -32.21 -23.85 -16.61
N THR B 31 -31.40 -22.96 -17.19
CA THR B 31 -30.65 -23.30 -18.39
C THR B 31 -29.36 -24.01 -18.00
N ALA B 32 -28.75 -24.69 -18.97
CA ALA B 32 -27.45 -25.33 -18.73
C ALA B 32 -26.41 -24.30 -18.30
N ALA B 33 -26.52 -23.10 -18.86
CA ALA B 33 -25.60 -22.02 -18.52
C ALA B 33 -25.73 -21.59 -17.06
N LEU B 34 -26.96 -21.40 -16.59
CA LEU B 34 -27.19 -21.04 -15.19
C LEU B 34 -26.72 -22.13 -14.23
N GLU B 35 -26.87 -23.38 -14.64
CA GLU B 35 -26.50 -24.50 -13.78
C GLU B 35 -24.98 -24.58 -13.62
N ARG B 36 -24.26 -24.28 -14.69
CA ARG B 36 -22.80 -24.21 -14.65
C ARG B 36 -22.33 -23.07 -13.73
N ILE B 37 -23.03 -21.95 -13.79
CA ILE B 37 -22.72 -20.81 -12.92
C ILE B 37 -22.83 -21.19 -11.45
N GLU B 38 -23.93 -21.85 -11.08
CA GLU B 38 -24.16 -22.27 -9.70
C GLU B 38 -23.13 -23.30 -9.27
N ASP B 39 -22.87 -24.26 -10.16
CA ASP B 39 -21.94 -25.34 -9.87
C ASP B 39 -20.51 -24.84 -9.75
N THR B 40 -20.15 -23.86 -10.60
CA THR B 40 -18.82 -23.28 -10.51
C THR B 40 -18.68 -22.45 -9.25
N ALA B 41 -19.69 -21.64 -8.97
CA ALA B 41 -19.69 -20.78 -7.78
C ALA B 41 -19.58 -21.62 -6.51
N GLN B 42 -20.36 -22.70 -6.47
CA GLN B 42 -20.33 -23.63 -5.36
C GLN B 42 -18.93 -24.18 -5.18
N ALA B 43 -18.31 -24.55 -6.30
CA ALA B 43 -16.95 -25.10 -6.28
C ALA B 43 -15.94 -24.09 -5.76
N MSE B 44 -16.13 -22.83 -6.12
CA MSE B 44 -15.29 -21.75 -5.64
C MSE B 44 -15.44 -21.55 -4.14
O MSE B 44 -14.45 -21.35 -3.43
CB MSE B 44 -15.61 -20.46 -6.39
CG MSE B 44 -15.23 -20.53 -7.85
SE MSE B 44 -15.96 -19.10 -8.93
CE MSE B 44 -14.94 -17.60 -8.25
N LEU B 45 -16.68 -21.63 -3.66
CA LEU B 45 -16.97 -21.50 -2.24
C LEU B 45 -16.31 -22.62 -1.45
N SER B 46 -16.28 -23.81 -2.03
CA SER B 46 -15.67 -24.96 -1.38
C SER B 46 -14.17 -24.76 -1.33
N THR B 47 -13.62 -24.29 -2.44
CA THR B 47 -12.21 -23.95 -2.50
C THR B 47 -11.85 -23.00 -1.36
N VAL B 48 -12.57 -21.89 -1.27
CA VAL B 48 -12.31 -20.89 -0.24
C VAL B 48 -12.51 -21.43 1.17
N ILE B 49 -13.70 -21.98 1.44
CA ILE B 49 -14.10 -22.32 2.79
C ILE B 49 -13.52 -23.64 3.31
N ASP B 50 -13.54 -24.67 2.47
CA ASP B 50 -13.00 -25.98 2.83
C ASP B 50 -11.50 -26.05 2.70
N GLU B 51 -11.03 -25.80 1.48
CA GLU B 51 -9.61 -25.99 1.16
C GLU B 51 -8.77 -24.83 1.65
N GLU B 52 -9.42 -23.72 1.98
CA GLU B 52 -8.73 -22.51 2.43
C GLU B 52 -7.74 -22.02 1.37
N ARG B 53 -8.19 -22.03 0.11
CA ARG B 53 -7.37 -21.63 -1.03
C ARG B 53 -8.03 -20.52 -1.83
N ASN B 54 -7.29 -19.93 -2.78
CA ASN B 54 -7.72 -18.74 -3.51
C ASN B 54 -7.99 -19.05 -4.99
N PRO B 55 -9.28 -19.18 -5.36
CA PRO B 55 -9.63 -19.57 -6.73
C PRO B 55 -9.48 -18.45 -7.76
N PHE B 56 -9.01 -17.28 -7.33
CA PHE B 56 -8.82 -16.15 -8.24
C PHE B 56 -7.37 -16.02 -8.71
N LEU B 57 -6.52 -16.91 -8.24
CA LEU B 57 -5.13 -16.98 -8.68
C LEU B 57 -4.81 -18.38 -9.17
N GLU B 58 -4.07 -18.47 -10.27
N GLU B 58 -4.06 -18.46 -10.27
CA GLU B 58 -3.72 -19.76 -10.86
CA GLU B 58 -3.70 -19.74 -10.87
C GLU B 58 -2.96 -20.61 -9.85
C GLU B 58 -2.91 -20.62 -9.90
N GLY B 59 -3.30 -21.89 -9.81
CA GLY B 59 -2.70 -22.81 -8.87
C GLY B 59 -3.47 -22.82 -7.56
N ALA B 60 -4.39 -21.87 -7.43
CA ALA B 60 -5.20 -21.72 -6.23
C ALA B 60 -4.34 -21.73 -4.96
N PRO B 61 -3.51 -20.70 -4.78
CA PRO B 61 -2.68 -20.67 -3.58
C PRO B 61 -3.53 -20.53 -2.33
N SER B 62 -3.00 -20.96 -1.20
CA SER B 62 -3.61 -20.74 0.10
C SER B 62 -3.69 -19.25 0.36
N TYR B 63 -4.62 -18.85 1.21
CA TYR B 63 -4.67 -17.46 1.66
C TYR B 63 -4.27 -17.35 3.12
N LEU B 64 -4.02 -18.50 3.74
CA LEU B 64 -3.63 -18.54 5.13
C LEU B 64 -2.22 -18.02 5.31
N PRO B 65 -1.99 -17.23 6.37
CA PRO B 65 -0.64 -16.77 6.64
C PRO B 65 0.25 -17.97 6.93
N GLY B 66 1.40 -18.05 6.28
CA GLY B 66 2.30 -19.16 6.49
C GLY B 66 2.15 -20.22 5.41
N LYS B 67 1.12 -20.09 4.59
CA LYS B 67 0.98 -20.97 3.44
C LYS B 67 0.81 -20.15 2.16
N ARG B 68 0.35 -18.92 2.32
CA ARG B 68 0.09 -18.04 1.19
C ARG B 68 1.39 -17.59 0.52
N PRO B 69 1.30 -17.12 -0.73
CA PRO B 69 2.50 -16.55 -1.37
C PRO B 69 2.93 -15.33 -0.59
N THR B 70 4.22 -15.22 -0.34
CA THR B 70 4.77 -14.12 0.44
C THR B 70 4.35 -12.79 -0.17
N ASP B 71 3.93 -11.86 0.69
CA ASP B 71 3.61 -10.50 0.29
C ASP B 71 2.37 -10.36 -0.60
N VAL B 72 1.72 -11.48 -0.91
CA VAL B 72 0.43 -11.42 -1.57
C VAL B 72 -0.65 -11.51 -0.50
N THR B 73 -1.14 -10.34 -0.06
CA THR B 73 -1.97 -10.29 1.11
C THR B 73 -3.20 -9.40 0.92
N THR B 74 -3.40 -8.87 -0.29
CA THR B 74 -4.50 -7.93 -0.54
C THR B 74 -5.30 -8.21 -1.80
N PHE B 75 -6.50 -7.63 -1.87
CA PHE B 75 -7.36 -7.72 -3.04
C PHE B 75 -6.67 -7.10 -4.26
N GLY B 76 -5.96 -6.01 -4.04
CA GLY B 76 -5.33 -5.27 -5.12
C GLY B 76 -4.31 -6.07 -5.91
N GLN B 77 -3.74 -7.07 -5.24
CA GLN B 77 -2.69 -7.90 -5.83
C GLN B 77 -3.23 -9.09 -6.61
N VAL B 78 -4.55 -9.22 -6.65
CA VAL B 78 -5.19 -10.23 -7.49
C VAL B 78 -5.96 -9.49 -8.59
N PRO B 79 -5.55 -9.68 -9.85
CA PRO B 79 -6.16 -8.97 -10.99
C PRO B 79 -7.67 -9.13 -11.08
N ALA B 80 -8.17 -10.34 -10.85
CA ALA B 80 -9.61 -10.58 -10.91
C ALA B 80 -10.33 -9.78 -9.83
N LEU B 81 -9.76 -9.76 -8.62
CA LEU B 81 -10.35 -9.04 -7.51
C LEU B 81 -10.28 -7.53 -7.73
N ARG B 82 -9.16 -7.09 -8.27
N ARG B 82 -9.15 -7.09 -8.29
N ARG B 82 -9.16 -7.07 -8.28
CA ARG B 82 -8.96 -5.68 -8.63
CA ARG B 82 -8.95 -5.69 -8.64
CA ARG B 82 -8.98 -5.66 -8.62
C ARG B 82 -10.04 -5.23 -9.62
C ARG B 82 -10.00 -5.21 -9.64
C ARG B 82 -10.01 -5.21 -9.65
N ASP B 83 -10.31 -6.07 -10.61
CA ASP B 83 -11.30 -5.76 -11.63
C ASP B 83 -12.71 -5.70 -11.07
N MSE B 84 -13.05 -6.69 -10.24
CA MSE B 84 -14.40 -6.77 -9.68
C MSE B 84 -14.68 -5.66 -8.68
O MSE B 84 -15.80 -5.18 -8.59
CB MSE B 84 -14.65 -8.14 -9.05
CG MSE B 84 -14.82 -9.24 -10.09
SE MSE B 84 -15.51 -10.90 -9.36
CE MSE B 84 -14.11 -11.26 -8.07
N LEU B 85 -13.66 -5.24 -7.93
CA LEU B 85 -13.82 -4.12 -7.03
C LEU B 85 -14.27 -2.90 -7.81
N ALA B 86 -13.59 -2.67 -8.94
CA ALA B 86 -13.91 -1.55 -9.82
C ALA B 86 -15.34 -1.64 -10.35
N GLU B 87 -15.75 -2.83 -10.77
CA GLU B 87 -17.09 -3.03 -11.30
C GLU B 87 -18.14 -2.80 -10.22
N SER B 88 -17.79 -3.11 -8.98
CA SER B 88 -18.73 -3.01 -7.87
C SER B 88 -19.01 -1.56 -7.50
N ARG B 89 -18.24 -0.64 -8.08
CA ARG B 89 -18.46 0.79 -7.89
C ARG B 89 -19.25 1.38 -9.04
N ASP B 90 -19.42 0.59 -10.10
CA ASP B 90 -20.00 1.07 -11.35
C ASP B 90 -21.51 1.24 -11.26
N LEU B 91 -22.00 2.39 -11.71
CA LEU B 91 -23.43 2.71 -11.66
C LEU B 91 -24.26 1.69 -12.41
N GLU B 92 -23.78 1.29 -13.58
CA GLU B 92 -24.53 0.35 -14.40
C GLU B 92 -24.50 -1.06 -13.82
N PHE B 93 -23.49 -1.38 -13.03
CA PHE B 93 -23.49 -2.64 -12.32
C PHE B 93 -24.50 -2.62 -11.17
N LEU B 94 -24.53 -1.52 -10.42
CA LEU B 94 -25.44 -1.40 -9.28
C LEU B 94 -26.92 -1.36 -9.72
N GLN B 95 -27.17 -0.82 -10.91
N GLN B 95 -27.16 -0.81 -10.90
CA GLN B 95 -28.51 -0.79 -11.47
CA GLN B 95 -28.51 -0.79 -11.48
C GLN B 95 -29.00 -2.18 -11.83
C GLN B 95 -28.99 -2.20 -11.80
N ARG B 96 -28.11 -3.00 -12.37
CA ARG B 96 -28.43 -4.39 -12.73
C ARG B 96 -28.77 -5.19 -11.49
N VAL B 97 -28.00 -4.95 -10.42
CA VAL B 97 -28.22 -5.60 -9.14
C VAL B 97 -29.60 -5.23 -8.62
N SER B 98 -29.95 -3.94 -8.71
N SER B 98 -29.94 -3.95 -8.70
CA SER B 98 -31.24 -3.47 -8.26
CA SER B 98 -31.24 -3.48 -8.25
C SER B 98 -32.37 -4.02 -9.12
C SER B 98 -32.36 -4.06 -9.11
N ASP B 99 -32.09 -4.25 -10.39
CA ASP B 99 -33.06 -4.80 -11.31
C ASP B 99 -33.44 -6.24 -10.93
N MSE B 100 -32.45 -7.04 -10.57
CA MSE B 100 -32.72 -8.41 -10.17
C MSE B 100 -33.38 -8.46 -8.79
O MSE B 100 -34.29 -9.25 -8.57
CB MSE B 100 -31.42 -9.22 -10.14
CG MSE B 100 -31.03 -9.80 -11.48
SE MSE B 100 -29.43 -10.87 -11.28
CE MSE B 100 -30.10 -12.13 -9.96
N ALA B 101 -32.91 -7.62 -7.88
CA ALA B 101 -33.41 -7.62 -6.50
C ALA B 101 -34.86 -7.17 -6.43
N GLY B 102 -35.24 -6.27 -7.31
CA GLY B 102 -36.54 -5.64 -7.24
C GLY B 102 -36.49 -4.50 -6.25
N PRO B 103 -37.63 -3.80 -6.07
CA PRO B 103 -37.72 -2.70 -5.12
C PRO B 103 -37.80 -3.23 -3.70
N SER B 104 -37.71 -2.32 -2.75
CA SER B 104 -38.02 -2.62 -1.36
C SER B 104 -39.34 -3.36 -1.31
N PRO B 105 -39.34 -4.59 -0.78
CA PRO B 105 -40.50 -5.49 -0.85
C PRO B 105 -41.77 -4.92 -0.22
N ARG B 106 -42.90 -5.16 -0.86
CA ARG B 106 -44.20 -4.75 -0.34
C ARG B 106 -45.04 -5.96 -0.01
N ILE B 107 -45.64 -5.96 1.17
CA ILE B 107 -46.45 -7.09 1.61
C ILE B 107 -47.69 -7.26 0.72
N GLU B 108 -47.99 -8.49 0.36
CA GLU B 108 -49.02 -8.76 -0.62
C GLU B 108 -50.41 -8.81 -0.01
N ASP B 109 -50.46 -9.03 1.29
CA ASP B 109 -51.72 -9.29 1.97
C ASP B 109 -51.49 -9.15 3.47
N PRO B 110 -52.43 -8.49 4.17
CA PRO B 110 -52.28 -8.27 5.61
C PRO B 110 -52.72 -9.49 6.41
N SER B 111 -52.08 -10.63 6.15
CA SER B 111 -52.42 -11.89 6.80
C SER B 111 -51.15 -12.55 7.27
N GLU B 112 -51.29 -13.62 8.06
CA GLU B 112 -50.13 -14.37 8.52
C GLU B 112 -49.35 -14.91 7.33
N GLU B 113 -50.07 -15.39 6.32
CA GLU B 113 -49.45 -15.92 5.11
C GLU B 113 -48.67 -14.86 4.32
N GLY B 114 -49.26 -13.68 4.18
CA GLY B 114 -48.60 -12.57 3.52
C GLY B 114 -47.35 -12.12 4.24
N LEU B 115 -47.40 -12.15 5.56
CA LEU B 115 -46.28 -11.70 6.38
C LEU B 115 -45.11 -12.67 6.31
N ALA B 116 -45.40 -13.96 6.30
CA ALA B 116 -44.37 -15.00 6.20
C ALA B 116 -43.65 -14.87 4.86
N ARG B 117 -44.43 -14.64 3.81
N ARG B 117 -44.44 -14.65 3.81
CA ARG B 117 -43.86 -14.47 2.49
CA ARG B 117 -43.88 -14.46 2.48
C ARG B 117 -43.05 -13.20 2.42
C ARG B 117 -43.05 -13.20 2.43
N HIS B 118 -43.51 -12.18 3.14
CA HIS B 118 -42.82 -10.89 3.19
C HIS B 118 -41.46 -11.03 3.86
N TYR B 119 -41.42 -11.74 4.99
CA TYR B 119 -40.17 -12.09 5.65
C TYR B 119 -39.16 -12.63 4.64
N THR B 120 -39.60 -13.63 3.87
CA THR B 120 -38.76 -14.31 2.89
C THR B 120 -38.30 -13.34 1.81
N ASN B 121 -39.19 -12.44 1.42
CA ASN B 121 -38.88 -11.46 0.38
C ASN B 121 -37.86 -10.44 0.85
N VAL B 122 -37.99 -10.02 2.11
CA VAL B 122 -37.04 -9.06 2.68
C VAL B 122 -35.67 -9.70 2.79
N SER B 123 -35.64 -10.95 3.22
CA SER B 123 -34.40 -11.71 3.32
C SER B 123 -33.75 -11.86 1.96
N ASN B 124 -34.56 -12.26 0.97
CA ASN B 124 -34.06 -12.48 -0.37
C ASN B 124 -33.61 -11.18 -1.00
N TRP B 125 -34.32 -10.11 -0.68
CA TRP B 125 -33.97 -8.77 -1.17
C TRP B 125 -32.62 -8.31 -0.60
N LYS B 126 -32.44 -8.44 0.72
CA LYS B 126 -31.17 -8.12 1.34
C LYS B 126 -30.04 -8.94 0.74
N ALA B 127 -30.24 -10.25 0.64
CA ALA B 127 -29.24 -11.16 0.10
C ALA B 127 -28.72 -10.74 -1.28
N GLN B 128 -29.64 -10.30 -2.14
CA GLN B 128 -29.26 -9.94 -3.50
C GLN B 128 -28.58 -8.59 -3.58
N LYS B 129 -29.08 -7.62 -2.82
CA LYS B 129 -28.55 -6.26 -2.82
C LYS B 129 -27.12 -6.19 -2.29
N SER B 130 -26.75 -7.19 -1.49
CA SER B 130 -25.44 -7.17 -0.84
C SER B 130 -24.49 -8.28 -1.34
N ALA B 131 -24.89 -8.99 -2.39
CA ALA B 131 -24.08 -10.06 -2.95
C ALA B 131 -23.02 -9.54 -3.92
N HIS B 132 -22.25 -8.53 -3.50
CA HIS B 132 -21.17 -7.98 -4.30
C HIS B 132 -20.13 -7.25 -3.45
N LEU B 133 -19.08 -6.75 -4.10
CA LEU B 133 -17.94 -6.18 -3.38
C LEU B 133 -18.01 -4.68 -3.15
N GLY B 134 -19.13 -4.06 -3.55
CA GLY B 134 -19.27 -2.62 -3.44
C GLY B 134 -20.19 -2.16 -2.33
N ILE B 135 -20.45 -3.02 -1.35
CA ILE B 135 -21.35 -2.69 -0.25
C ILE B 135 -20.64 -1.78 0.76
N VAL B 136 -21.44 -1.09 1.57
CA VAL B 136 -20.90 -0.12 2.51
C VAL B 136 -21.21 -0.52 3.95
N ASP B 137 -20.40 -0.02 4.88
CA ASP B 137 -20.64 -0.28 6.29
C ASP B 137 -21.67 0.71 6.85
N HIS B 138 -21.92 0.60 8.15
CA HIS B 138 -22.87 1.49 8.81
C HIS B 138 -22.44 2.94 8.71
N LEU B 139 -21.16 3.16 8.48
CA LEU B 139 -20.62 4.51 8.33
C LEU B 139 -20.57 4.95 6.86
N GLY B 140 -21.10 4.10 5.98
CA GLY B 140 -21.19 4.44 4.57
C GLY B 140 -19.86 4.37 3.83
N GLN B 141 -18.89 3.70 4.42
CA GLN B 141 -17.61 3.46 3.76
C GLN B 141 -17.65 2.09 3.11
N PHE B 142 -16.97 1.95 1.97
CA PHE B 142 -16.88 0.65 1.30
C PHE B 142 -16.26 -0.38 2.23
N VAL B 143 -16.90 -1.54 2.31
CA VAL B 143 -16.37 -2.64 3.11
C VAL B 143 -15.14 -3.28 2.43
N TYR B 144 -15.18 -3.39 1.11
CA TYR B 144 -14.10 -4.02 0.36
C TYR B 144 -13.40 -3.01 -0.54
N HIS B 145 -12.07 -3.11 -0.61
CA HIS B 145 -11.27 -2.19 -1.39
C HIS B 145 -9.95 -2.89 -1.74
N GLU B 146 -9.05 -2.21 -2.43
CA GLU B 146 -7.82 -2.87 -2.90
C GLU B 146 -6.94 -3.36 -1.75
N GLY B 147 -7.08 -2.75 -0.59
CA GLY B 147 -6.31 -3.11 0.58
C GLY B 147 -6.97 -4.16 1.46
N SER B 148 -8.15 -4.63 1.06
CA SER B 148 -8.85 -5.68 1.80
C SER B 148 -7.98 -6.93 1.92
N PRO B 149 -8.00 -7.58 3.09
CA PRO B 149 -7.20 -8.80 3.25
C PRO B 149 -7.83 -9.95 2.47
N LEU B 150 -7.04 -10.98 2.24
CA LEU B 150 -7.53 -12.19 1.61
C LEU B 150 -7.79 -13.20 2.72
N ASP B 151 -9.06 -13.40 3.05
CA ASP B 151 -9.44 -14.33 4.10
C ASP B 151 -10.77 -14.98 3.74
N VAL B 152 -11.29 -15.84 4.60
CA VAL B 152 -12.45 -16.64 4.23
C VAL B 152 -13.67 -15.76 3.91
N ALA B 153 -13.87 -14.70 4.69
CA ALA B 153 -15.00 -13.80 4.49
C ALA B 153 -14.89 -12.96 3.21
N THR B 154 -13.76 -12.30 3.03
CA THR B 154 -13.60 -11.41 1.89
C THR B 154 -13.61 -12.19 0.60
N LEU B 155 -13.00 -13.38 0.62
CA LEU B 155 -12.96 -14.24 -0.56
C LEU B 155 -14.31 -14.92 -0.85
N ALA B 156 -15.04 -15.31 0.19
CA ALA B 156 -16.37 -15.83 -0.01
C ALA B 156 -17.26 -14.75 -0.65
N LYS B 157 -17.10 -13.51 -0.21
CA LYS B 157 -17.86 -12.41 -0.79
C LYS B 157 -17.47 -12.17 -2.24
N ALA B 158 -16.19 -12.31 -2.55
CA ALA B 158 -15.70 -12.20 -3.92
C ALA B 158 -16.38 -13.26 -4.80
N VAL B 159 -16.52 -14.47 -4.27
CA VAL B 159 -17.17 -15.53 -5.02
C VAL B 159 -18.64 -15.17 -5.30
N GLN B 160 -19.34 -14.67 -4.28
CA GLN B 160 -20.72 -14.19 -4.48
C GLN B 160 -20.79 -13.16 -5.59
N MSE B 161 -19.79 -12.30 -5.64
N MSE B 161 -19.81 -12.27 -5.65
CA MSE B 161 -19.67 -11.25 -6.63
CA MSE B 161 -19.79 -11.26 -6.70
C MSE B 161 -19.48 -11.83 -8.03
C MSE B 161 -19.55 -11.88 -8.07
O MSE B 161 -20.08 -11.35 -8.99
O MSE B 161 -20.18 -11.48 -9.05
CB MSE B 161 -18.49 -10.34 -6.27
CB MSE B 161 -18.74 -10.19 -6.42
CG MSE B 161 -18.09 -9.37 -7.37
CG MSE B 161 -18.40 -9.39 -7.67
SE MSE B 161 -19.57 -8.23 -7.88
SE MSE B 161 -18.15 -7.49 -7.36
CE MSE B 161 -18.65 -7.16 -9.23
CE MSE B 161 -18.45 -6.86 -9.19
N TRP B 162 -18.65 -12.85 -8.13
CA TRP B 162 -18.39 -13.52 -9.39
C TRP B 162 -19.69 -14.13 -9.92
N LYS B 163 -20.43 -14.78 -9.03
CA LYS B 163 -21.73 -15.35 -9.40
C LYS B 163 -22.71 -14.27 -9.82
N THR B 164 -22.74 -13.18 -9.09
CA THR B 164 -23.60 -12.04 -9.42
C THR B 164 -23.35 -11.53 -10.84
N ARG B 165 -22.08 -11.33 -11.19
CA ARG B 165 -21.69 -10.88 -12.53
C ARG B 165 -22.22 -11.81 -13.60
N GLU B 166 -22.07 -13.10 -13.35
CA GLU B 166 -22.47 -14.10 -14.32
C GLU B 166 -23.99 -14.17 -14.47
N LEU B 167 -24.71 -14.02 -13.37
CA LEU B 167 -26.18 -13.98 -13.41
C LEU B 167 -26.66 -12.81 -14.24
N ILE B 168 -25.95 -11.69 -14.11
CA ILE B 168 -26.29 -10.49 -14.86
C ILE B 168 -26.06 -10.68 -16.35
N VAL B 169 -24.91 -11.25 -16.69
CA VAL B 169 -24.59 -11.50 -18.09
C VAL B 169 -25.49 -12.59 -18.67
N HIS B 170 -25.91 -13.55 -17.85
CA HIS B 170 -26.86 -14.54 -18.34
C HIS B 170 -28.19 -13.91 -18.68
N ALA B 171 -28.59 -12.89 -17.93
CA ALA B 171 -29.86 -12.21 -18.19
C ALA B 171 -29.72 -11.16 -19.28
N HIS B 172 -28.50 -10.63 -19.42
CA HIS B 172 -28.23 -9.58 -20.41
C HIS B 172 -26.89 -9.86 -21.07
N PRO B 173 -26.89 -10.73 -22.09
CA PRO B 173 -25.69 -11.17 -22.80
C PRO B 173 -24.84 -10.02 -23.34
N GLN B 174 -25.47 -8.86 -23.51
CA GLN B 174 -24.80 -7.67 -24.00
C GLN B 174 -23.81 -7.13 -22.96
N ASP B 175 -24.02 -7.50 -21.71
CA ASP B 175 -23.20 -7.00 -20.61
C ASP B 175 -21.86 -7.72 -20.48
N ARG B 176 -21.65 -8.75 -21.29
CA ARG B 176 -20.39 -9.48 -21.28
C ARG B 176 -19.21 -8.56 -21.58
N ALA B 177 -19.46 -7.55 -22.41
CA ALA B 177 -18.44 -6.56 -22.72
C ALA B 177 -18.11 -5.75 -21.47
N ARG B 178 -19.15 -5.32 -20.75
CA ARG B 178 -19.01 -4.53 -19.53
C ARG B 178 -18.34 -5.33 -18.42
N PHE B 179 -18.62 -6.63 -18.42
CA PHE B 179 -18.13 -7.53 -17.38
C PHE B 179 -17.52 -8.77 -18.02
N PRO B 180 -16.25 -8.68 -18.44
CA PRO B 180 -15.54 -9.76 -19.12
C PRO B 180 -15.41 -11.00 -18.26
N GLU B 181 -15.31 -12.16 -18.90
CA GLU B 181 -15.06 -13.40 -18.20
C GLU B 181 -13.75 -13.35 -17.42
N LEU B 182 -13.78 -13.89 -16.22
CA LEU B 182 -12.59 -13.96 -15.39
C LEU B 182 -12.21 -15.41 -15.18
N ALA B 183 -10.93 -15.70 -15.36
CA ALA B 183 -10.44 -17.05 -15.15
C ALA B 183 -10.58 -17.38 -13.68
N VAL B 184 -11.11 -18.56 -13.38
CA VAL B 184 -11.13 -19.04 -12.01
C VAL B 184 -10.37 -20.36 -11.95
N HIS B 185 -9.88 -20.68 -10.76
CA HIS B 185 -9.00 -21.80 -10.59
C HIS B 185 -9.47 -22.69 -9.45
N ILE B 186 -10.13 -23.79 -9.81
CA ILE B 186 -10.65 -24.74 -8.83
C ILE B 186 -9.87 -26.05 -8.88
N PRO B 187 -9.27 -26.44 -7.75
CA PRO B 187 -8.49 -27.68 -7.66
C PRO B 187 -9.36 -28.90 -7.92
N LEU C 17 8.20 11.36 62.33
CA LEU C 17 9.31 10.49 62.74
C LEU C 17 9.12 9.07 62.20
N TYR C 18 7.89 8.76 61.80
CA TYR C 18 7.55 7.41 61.38
C TYR C 18 7.00 7.35 59.95
N PHE C 19 7.52 8.24 59.11
CA PHE C 19 7.13 8.27 57.70
C PHE C 19 8.35 8.35 56.78
N GLN C 20 8.65 7.23 56.12
CA GLN C 20 9.69 7.18 55.10
C GLN C 20 9.07 6.90 53.73
N GLY C 21 9.18 7.86 52.81
CA GLY C 21 8.56 7.75 51.51
C GLY C 21 9.15 6.66 50.63
N ALA C 25 13.59 6.54 41.68
CA ALA C 25 14.09 5.46 40.84
C ALA C 25 14.44 5.95 39.45
N SER C 26 15.53 6.70 39.34
CA SER C 26 15.91 7.33 38.07
C SER C 26 17.42 7.33 37.82
N GLU C 27 17.81 7.66 36.59
CA GLU C 27 19.21 7.86 36.26
C GLU C 27 19.72 9.10 36.97
N LEU C 28 21.03 9.31 36.97
CA LEU C 28 21.61 10.45 37.67
C LEU C 28 22.20 11.49 36.74
N LEU C 29 22.75 11.05 35.61
CA LEU C 29 23.29 12.00 34.64
C LEU C 29 22.55 11.95 33.31
N LEU C 30 22.32 13.13 32.73
CA LEU C 30 21.77 13.23 31.40
C LEU C 30 22.89 13.00 30.39
N THR C 31 23.15 11.73 30.11
CA THR C 31 24.17 11.36 29.15
C THR C 31 23.65 11.62 27.74
N ALA C 32 24.56 11.71 26.77
CA ALA C 32 24.17 11.99 25.40
C ALA C 32 23.30 10.87 24.84
N ALA C 33 23.48 9.66 25.37
CA ALA C 33 22.67 8.51 25.00
C ALA C 33 21.22 8.73 25.42
N LEU C 34 21.03 9.13 26.67
CA LEU C 34 19.69 9.40 27.20
C LEU C 34 19.04 10.54 26.45
N GLU C 35 19.81 11.60 26.20
CA GLU C 35 19.28 12.75 25.50
C GLU C 35 18.89 12.36 24.08
N ARG C 36 19.60 11.40 23.51
CA ARG C 36 19.30 10.92 22.18
C ARG C 36 17.98 10.14 22.16
N ILE C 37 17.75 9.36 23.20
CA ILE C 37 16.51 8.60 23.33
C ILE C 37 15.32 9.57 23.44
N GLU C 38 15.50 10.59 24.26
CA GLU C 38 14.50 11.63 24.43
C GLU C 38 14.25 12.37 23.12
N ASP C 39 15.34 12.77 22.47
CA ASP C 39 15.26 13.49 21.19
C ASP C 39 14.49 12.68 20.15
N THR C 40 14.84 11.42 20.00
CA THR C 40 14.21 10.55 19.01
C THR C 40 12.74 10.30 19.32
N ALA C 41 12.46 9.94 20.56
CA ALA C 41 11.10 9.68 21.01
C ALA C 41 10.23 10.91 20.77
N GLN C 42 10.81 12.08 21.07
CA GLN C 42 10.13 13.34 20.86
C GLN C 42 9.87 13.57 19.37
N ALA C 43 10.82 13.15 18.54
CA ALA C 43 10.66 13.25 17.10
C ALA C 43 9.55 12.33 16.61
N MSE C 44 9.45 11.16 17.22
CA MSE C 44 8.46 10.18 16.81
C MSE C 44 7.06 10.60 17.18
O MSE C 44 6.10 10.37 16.44
CB MSE C 44 8.79 8.81 17.40
CG MSE C 44 10.15 8.29 16.99
SE MSE C 44 10.67 6.74 18.03
CE MSE C 44 9.26 5.52 17.47
N LEU C 45 6.93 11.23 18.35
CA LEU C 45 5.64 11.74 18.79
C LEU C 45 5.15 12.81 17.84
N SER C 46 6.05 13.70 17.45
CA SER C 46 5.74 14.77 16.52
C SER C 46 5.31 14.20 15.17
N THR C 47 5.97 13.12 14.75
CA THR C 47 5.62 12.44 13.51
C THR C 47 4.19 11.94 13.55
N VAL C 48 3.83 11.30 14.66
CA VAL C 48 2.49 10.77 14.85
C VAL C 48 1.46 11.89 14.97
N ILE C 49 1.72 12.84 15.86
CA ILE C 49 0.72 13.83 16.24
C ILE C 49 0.61 15.02 15.30
N ASP C 50 1.70 15.73 15.06
CA ASP C 50 1.69 16.91 14.18
C ASP C 50 1.62 16.54 12.70
N GLU C 51 2.41 15.54 12.31
CA GLU C 51 2.51 15.13 10.92
C GLU C 51 1.39 14.17 10.51
N GLU C 52 0.87 13.42 11.48
CA GLU C 52 -0.04 12.31 11.22
C GLU C 52 0.60 11.26 10.31
N ARG C 53 1.84 10.89 10.63
CA ARG C 53 2.57 9.88 9.88
C ARG C 53 3.12 8.79 10.81
N ASN C 54 3.59 7.69 10.22
CA ASN C 54 3.91 6.46 10.97
C ASN C 54 5.41 6.16 10.98
N PRO C 55 6.09 6.47 12.11
CA PRO C 55 7.55 6.31 12.22
C PRO C 55 8.03 4.85 12.32
N PHE C 56 7.09 3.91 12.32
CA PHE C 56 7.44 2.50 12.39
C PHE C 56 7.50 1.86 11.01
N LEU C 57 7.22 2.65 9.98
CA LEU C 57 7.35 2.19 8.61
C LEU C 57 8.28 3.09 7.80
N GLU C 58 9.05 2.47 6.92
CA GLU C 58 10.01 3.18 6.09
C GLU C 58 9.32 4.29 5.29
N GLY C 59 9.87 5.50 5.39
CA GLY C 59 9.30 6.66 4.74
C GLY C 59 8.31 7.39 5.62
N ALA C 60 7.99 6.81 6.78
CA ALA C 60 6.98 7.35 7.69
C ALA C 60 5.68 7.70 6.97
N PRO C 61 5.00 6.70 6.40
CA PRO C 61 3.78 6.98 5.67
C PRO C 61 2.67 7.46 6.59
N SER C 62 1.71 8.19 6.04
CA SER C 62 0.54 8.61 6.78
C SER C 62 -0.22 7.40 7.31
N TYR C 63 -0.95 7.59 8.40
CA TYR C 63 -1.85 6.56 8.91
C TYR C 63 -3.31 6.96 8.69
N LEU C 64 -3.51 8.07 7.99
CA LEU C 64 -4.87 8.52 7.68
C LEU C 64 -5.47 7.63 6.58
N PRO C 65 -6.75 7.26 6.74
CA PRO C 65 -7.44 6.37 5.80
C PRO C 65 -7.25 6.76 4.34
N GLY C 66 -7.31 8.05 4.06
CA GLY C 66 -7.23 8.54 2.70
C GLY C 66 -5.82 8.60 2.12
N LYS C 67 -4.81 8.43 2.97
CA LYS C 67 -3.42 8.59 2.52
C LYS C 67 -2.55 7.39 2.84
N ARG C 68 -2.99 6.59 3.81
CA ARG C 68 -2.19 5.48 4.32
C ARG C 68 -1.87 4.46 3.24
N PRO C 69 -0.84 3.62 3.48
CA PRO C 69 -0.60 2.47 2.62
C PRO C 69 -1.87 1.65 2.57
N THR C 70 -2.29 1.27 1.37
CA THR C 70 -3.63 0.72 1.17
C THR C 70 -4.03 -0.43 2.11
N ASP C 71 -3.09 -1.33 2.38
CA ASP C 71 -3.39 -2.51 3.20
C ASP C 71 -3.18 -2.29 4.70
N VAL C 72 -2.26 -1.40 5.04
CA VAL C 72 -1.87 -1.19 6.43
C VAL C 72 -2.93 -0.43 7.21
N THR C 73 -3.81 -1.20 7.85
CA THR C 73 -4.93 -0.63 8.59
C THR C 73 -4.89 -1.01 10.07
N THR C 74 -4.14 -2.06 10.39
CA THR C 74 -4.00 -2.53 11.76
C THR C 74 -2.55 -2.67 12.20
N PHE C 75 -2.35 -2.85 13.50
CA PHE C 75 -1.03 -3.14 14.07
C PHE C 75 -0.42 -4.40 13.47
N GLY C 76 -1.29 -5.27 12.98
CA GLY C 76 -0.88 -6.51 12.35
C GLY C 76 -0.13 -6.30 11.06
N GLN C 77 -0.44 -5.24 10.34
CA GLN C 77 0.26 -4.93 9.09
C GLN C 77 1.52 -4.08 9.29
N VAL C 78 1.97 -3.95 10.54
CA VAL C 78 3.23 -3.25 10.83
C VAL C 78 4.14 -4.11 11.70
N PRO C 79 5.24 -4.61 11.11
CA PRO C 79 6.18 -5.54 11.74
C PRO C 79 6.76 -5.08 13.08
N ALA C 80 7.25 -3.85 13.15
CA ALA C 80 7.84 -3.33 14.39
C ALA C 80 6.84 -3.38 15.54
N LEU C 81 5.58 -3.12 15.23
CA LEU C 81 4.54 -3.11 16.24
C LEU C 81 4.19 -4.53 16.68
N ARG C 82 4.25 -5.47 15.74
CA ARG C 82 4.02 -6.87 16.07
C ARG C 82 5.06 -7.33 17.07
N ASP C 83 6.31 -6.95 16.83
CA ASP C 83 7.42 -7.37 17.70
C ASP C 83 7.31 -6.75 19.08
N MSE C 84 6.90 -5.48 19.12
CA MSE C 84 6.76 -4.77 20.40
C MSE C 84 5.56 -5.29 21.19
O MSE C 84 5.60 -5.32 22.42
CB MSE C 84 6.63 -3.27 20.18
CG MSE C 84 7.93 -2.59 19.79
SE MSE C 84 8.03 -0.72 20.33
CE MSE C 84 6.49 -0.05 19.33
N LEU C 85 4.52 -5.69 20.49
CA LEU C 85 3.37 -6.31 21.14
C LEU C 85 3.82 -7.56 21.88
N ALA C 86 4.66 -8.35 21.21
CA ALA C 86 5.16 -9.60 21.77
C ALA C 86 6.05 -9.35 22.98
N GLU C 87 6.82 -8.27 22.95
CA GLU C 87 7.68 -7.92 24.07
C GLU C 87 6.84 -7.47 25.26
N SER C 88 5.67 -6.91 24.97
CA SER C 88 4.82 -6.37 26.02
C SER C 88 4.07 -7.47 26.79
N ARG C 89 4.26 -8.71 26.37
CA ARG C 89 3.69 -9.87 27.05
C ARG C 89 4.81 -10.67 27.71
N ASP C 90 6.03 -10.22 27.49
CA ASP C 90 7.21 -10.92 28.00
C ASP C 90 7.44 -10.63 29.46
N LEU C 91 7.72 -11.69 30.21
CA LEU C 91 7.94 -11.60 31.64
C LEU C 91 9.11 -10.69 31.96
N GLU C 92 10.21 -10.89 31.25
CA GLU C 92 11.42 -10.10 31.48
C GLU C 92 11.14 -8.61 31.29
N PHE C 93 10.42 -8.27 30.23
CA PHE C 93 10.10 -6.88 29.93
C PHE C 93 9.26 -6.26 31.03
N LEU C 94 8.19 -6.97 31.41
CA LEU C 94 7.28 -6.49 32.43
C LEU C 94 8.01 -6.32 33.76
N GLN C 95 8.95 -7.23 34.03
CA GLN C 95 9.79 -7.10 35.21
C GLN C 95 10.64 -5.85 35.16
N ARG C 96 11.25 -5.59 34.01
CA ARG C 96 12.12 -4.44 33.84
C ARG C 96 11.35 -3.13 34.03
N VAL C 97 10.14 -3.08 33.49
CA VAL C 97 9.29 -1.92 33.64
C VAL C 97 8.96 -1.72 35.11
N SER C 98 8.66 -2.83 35.79
CA SER C 98 8.35 -2.80 37.21
C SER C 98 9.49 -2.24 38.04
N ASP C 99 10.72 -2.56 37.65
CA ASP C 99 11.89 -2.14 38.40
C ASP C 99 12.11 -0.63 38.34
N MSE C 100 12.05 -0.07 37.14
CA MSE C 100 12.25 1.36 36.99
C MSE C 100 11.13 2.16 37.63
O MSE C 100 11.38 3.24 38.16
CB MSE C 100 12.38 1.72 35.51
CG MSE C 100 13.79 1.60 34.98
SE MSE C 100 13.83 2.03 33.09
CE MSE C 100 13.01 3.79 33.17
N ALA C 101 9.92 1.63 37.60
CA ALA C 101 8.78 2.32 38.19
C ALA C 101 8.83 2.30 39.71
N GLY C 102 9.32 1.19 40.27
CA GLY C 102 9.31 1.01 41.71
C GLY C 102 7.94 0.58 42.19
N PRO C 103 7.85 0.08 43.43
CA PRO C 103 6.57 -0.37 43.97
C PRO C 103 5.62 0.80 44.19
N SER C 104 4.44 0.53 44.73
CA SER C 104 3.48 1.58 45.03
C SER C 104 4.09 2.64 45.93
N PRO C 105 3.99 3.91 45.52
CA PRO C 105 4.55 5.03 46.28
C PRO C 105 3.93 5.13 47.66
N ARG C 106 4.75 5.56 48.62
CA ARG C 106 4.31 5.76 49.98
C ARG C 106 4.59 7.20 50.36
N ILE C 107 3.67 7.82 51.07
CA ILE C 107 3.85 9.20 51.46
C ILE C 107 5.01 9.33 52.44
N GLU C 108 5.74 10.43 52.32
CA GLU C 108 6.95 10.63 53.09
C GLU C 108 6.69 11.51 54.31
N ASP C 109 5.64 12.32 54.22
CA ASP C 109 5.34 13.28 55.26
C ASP C 109 3.88 13.70 55.21
N PRO C 110 3.15 13.50 56.33
CA PRO C 110 1.72 13.84 56.43
C PRO C 110 1.50 15.35 56.45
N SER C 111 1.76 16.02 55.34
CA SER C 111 1.61 17.45 55.24
C SER C 111 1.17 17.79 53.83
N GLU C 112 0.77 19.04 53.63
CA GLU C 112 0.35 19.50 52.31
C GLU C 112 1.47 19.33 51.28
N GLU C 113 2.71 19.56 51.71
CA GLU C 113 3.86 19.39 50.82
C GLU C 113 4.11 17.91 50.53
N GLY C 114 4.08 17.08 51.57
CA GLY C 114 4.32 15.66 51.44
C GLY C 114 3.27 14.99 50.58
N LEU C 115 2.03 15.46 50.72
CA LEU C 115 0.93 14.94 49.91
C LEU C 115 1.09 15.39 48.46
N ALA C 116 1.43 16.66 48.27
CA ALA C 116 1.68 17.19 46.94
C ALA C 116 2.73 16.36 46.20
N ARG C 117 3.80 16.02 46.89
CA ARG C 117 4.85 15.20 46.29
C ARG C 117 4.35 13.78 46.08
N HIS C 118 3.44 13.35 46.92
CA HIS C 118 2.85 12.03 46.78
C HIS C 118 1.99 11.98 45.53
N TYR C 119 1.24 13.07 45.28
CA TYR C 119 0.43 13.19 44.09
C TYR C 119 1.28 12.91 42.87
N THR C 120 2.40 13.61 42.79
CA THR C 120 3.28 13.53 41.65
C THR C 120 3.94 12.16 41.53
N ASN C 121 4.39 11.62 42.66
CA ASN C 121 5.05 10.31 42.66
C ASN C 121 4.12 9.22 42.15
N VAL C 122 2.87 9.26 42.59
CA VAL C 122 1.86 8.32 42.15
C VAL C 122 1.52 8.49 40.66
N SER C 123 1.37 9.75 40.24
CA SER C 123 1.16 10.06 38.82
C SER C 123 2.30 9.53 37.97
N ASN C 124 3.53 9.80 38.39
CA ASN C 124 4.71 9.35 37.65
C ASN C 124 4.79 7.83 37.63
N TRP C 125 4.36 7.21 38.72
CA TRP C 125 4.39 5.76 38.85
C TRP C 125 3.42 5.11 37.87
N LYS C 126 2.18 5.57 37.88
CA LYS C 126 1.16 5.11 36.93
C LYS C 126 1.67 5.31 35.50
N ALA C 127 2.29 6.47 35.28
CA ALA C 127 2.82 6.84 33.98
C ALA C 127 3.81 5.81 33.48
N GLN C 128 4.79 5.48 34.31
CA GLN C 128 5.80 4.50 33.94
C GLN C 128 5.21 3.09 33.79
N LYS C 129 4.25 2.76 34.64
CA LYS C 129 3.65 1.42 34.62
C LYS C 129 2.78 1.20 33.40
N SER C 130 2.30 2.29 32.81
CA SER C 130 1.37 2.20 31.69
C SER C 130 2.00 2.63 30.37
N ALA C 131 3.32 2.77 30.34
CA ALA C 131 4.00 3.25 29.13
C ALA C 131 4.45 2.11 28.23
N HIS C 132 3.50 1.24 27.87
CA HIS C 132 3.78 0.15 26.94
C HIS C 132 2.49 -0.43 26.37
N LEU C 133 2.62 -1.34 25.41
CA LEU C 133 1.48 -1.83 24.63
C LEU C 133 0.83 -3.07 25.23
N GLY C 134 1.28 -3.47 26.41
CA GLY C 134 0.79 -4.68 27.04
C GLY C 134 -0.11 -4.41 28.23
N ILE C 135 -0.59 -3.18 28.34
CA ILE C 135 -1.50 -2.82 29.40
C ILE C 135 -2.88 -3.42 29.14
N VAL C 136 -3.66 -3.60 30.21
CA VAL C 136 -4.97 -4.24 30.10
C VAL C 136 -6.11 -3.31 30.51
N ASP C 137 -7.30 -3.54 29.96
CA ASP C 137 -8.46 -2.70 30.29
C ASP C 137 -9.06 -3.07 31.65
N HIS C 138 -10.20 -2.47 31.98
CA HIS C 138 -10.82 -2.71 33.28
C HIS C 138 -11.42 -4.11 33.37
N LEU C 139 -11.36 -4.87 32.30
CA LEU C 139 -11.86 -6.24 32.28
C LEU C 139 -10.72 -7.23 32.17
N GLY C 140 -9.49 -6.72 32.17
CA GLY C 140 -8.32 -7.58 32.06
C GLY C 140 -7.96 -7.96 30.64
N GLN C 141 -8.69 -7.40 29.67
CA GLN C 141 -8.39 -7.64 28.27
C GLN C 141 -7.22 -6.77 27.83
N PHE C 142 -6.39 -7.29 26.93
CA PHE C 142 -5.28 -6.51 26.37
C PHE C 142 -5.83 -5.33 25.58
N VAL C 143 -5.31 -4.15 25.86
CA VAL C 143 -5.76 -2.94 25.17
C VAL C 143 -5.30 -2.94 23.72
N TYR C 144 -4.06 -3.39 23.50
CA TYR C 144 -3.46 -3.34 22.17
C TYR C 144 -3.10 -4.73 21.67
N HIS C 145 -3.38 -4.98 20.40
N HIS C 145 -3.41 -5.03 20.41
CA HIS C 145 -3.17 -6.27 19.75
CA HIS C 145 -2.87 -6.21 19.75
C HIS C 145 -2.98 -6.07 18.25
C HIS C 145 -2.91 -6.05 18.23
N GLU C 146 -2.79 -7.16 17.51
CA GLU C 146 -2.61 -7.11 16.06
C GLU C 146 -3.81 -6.57 15.28
N GLY C 147 -4.97 -6.53 15.92
CA GLY C 147 -6.15 -5.98 15.29
C GLY C 147 -6.39 -4.53 15.68
N SER C 148 -5.51 -3.99 16.51
CA SER C 148 -5.63 -2.59 16.94
C SER C 148 -5.41 -1.67 15.76
N PRO C 149 -6.24 -0.62 15.66
CA PRO C 149 -6.13 0.33 14.56
C PRO C 149 -4.87 1.19 14.69
N LEU C 150 -4.49 1.82 13.58
CA LEU C 150 -3.38 2.76 13.59
C LEU C 150 -3.94 4.17 13.58
N ASP C 151 -3.93 4.80 14.75
CA ASP C 151 -4.40 6.16 14.88
C ASP C 151 -3.46 6.95 15.79
N VAL C 152 -3.77 8.22 16.00
CA VAL C 152 -2.92 9.10 16.80
C VAL C 152 -2.67 8.54 18.20
N ALA C 153 -3.65 7.81 18.74
CA ALA C 153 -3.56 7.32 20.10
C ALA C 153 -2.79 6.01 20.21
N THR C 154 -3.13 5.04 19.37
CA THR C 154 -2.46 3.75 19.44
C THR C 154 -0.99 3.91 19.06
N LEU C 155 -0.72 4.75 18.07
CA LEU C 155 0.64 4.98 17.63
C LEU C 155 1.48 5.77 18.64
N ALA C 156 0.87 6.76 19.27
CA ALA C 156 1.57 7.49 20.31
C ALA C 156 1.91 6.56 21.48
N LYS C 157 1.06 5.57 21.72
CA LYS C 157 1.35 4.60 22.76
C LYS C 157 2.52 3.72 22.35
N ALA C 158 2.60 3.39 21.07
CA ALA C 158 3.71 2.62 20.54
C ALA C 158 5.01 3.40 20.68
N VAL C 159 4.94 4.71 20.47
CA VAL C 159 6.13 5.54 20.64
C VAL C 159 6.59 5.53 22.10
N GLN C 160 5.64 5.64 23.03
CA GLN C 160 5.94 5.54 24.45
C GLN C 160 6.68 4.26 24.78
N MSE C 161 6.24 3.15 24.19
CA MSE C 161 6.90 1.89 24.43
C MSE C 161 8.32 1.89 23.89
O MSE C 161 9.23 1.33 24.50
CB MSE C 161 6.14 0.71 23.86
CG MSE C 161 6.83 -0.61 24.14
SE MSE C 161 5.77 -2.20 23.84
CE MSE C 161 7.07 -3.51 24.47
N TRP C 162 8.51 2.51 22.73
CA TRP C 162 9.83 2.59 22.14
C TRP C 162 10.79 3.24 23.13
N LYS C 163 10.38 4.36 23.70
CA LYS C 163 11.20 5.06 24.67
C LYS C 163 11.37 4.19 25.90
N THR C 164 10.28 3.52 26.28
CA THR C 164 10.30 2.61 27.42
C THR C 164 11.31 1.48 27.19
N ARG C 165 11.31 0.92 25.98
CA ARG C 165 12.30 -0.08 25.60
C ARG C 165 13.71 0.46 25.76
N GLU C 166 13.99 1.59 25.12
CA GLU C 166 15.33 2.14 25.10
C GLU C 166 15.85 2.56 26.48
N LEU C 167 14.95 3.08 27.33
CA LEU C 167 15.33 3.45 28.69
C LEU C 167 15.77 2.25 29.52
N ILE C 168 15.14 1.10 29.30
CA ILE C 168 15.52 -0.13 30.00
C ILE C 168 16.91 -0.59 29.58
N VAL C 169 17.13 -0.70 28.27
CA VAL C 169 18.41 -1.14 27.72
C VAL C 169 19.55 -0.17 28.08
N HIS C 170 19.25 1.12 28.15
CA HIS C 170 20.24 2.09 28.59
C HIS C 170 20.65 1.77 30.02
N ALA C 171 19.67 1.42 30.83
CA ALA C 171 19.92 1.02 32.21
C ALA C 171 20.66 -0.31 32.24
N HIS C 172 20.09 -1.31 31.56
CA HIS C 172 20.70 -2.63 31.48
C HIS C 172 21.01 -3.01 30.05
N PRO C 173 22.23 -2.67 29.60
CA PRO C 173 22.70 -2.91 28.23
C PRO C 173 22.64 -4.38 27.79
N GLN C 174 22.72 -5.32 28.75
CA GLN C 174 22.69 -6.74 28.42
C GLN C 174 21.33 -7.20 27.88
N ASP C 175 20.35 -6.30 27.94
CA ASP C 175 19.01 -6.59 27.44
C ASP C 175 18.82 -6.07 26.03
N ARG C 176 19.91 -5.59 25.43
CA ARG C 176 19.90 -5.17 24.05
C ARG C 176 19.59 -6.37 23.17
N ALA C 177 20.14 -7.51 23.56
CA ALA C 177 19.86 -8.76 22.86
C ALA C 177 18.42 -9.17 23.12
N ARG C 178 17.97 -8.96 24.35
CA ARG C 178 16.60 -9.28 24.74
C ARG C 178 15.62 -8.42 23.96
N PHE C 179 16.02 -7.18 23.70
CA PHE C 179 15.19 -6.23 23.00
C PHE C 179 16.03 -5.46 22.02
N PRO C 180 16.15 -6.00 20.79
CA PRO C 180 17.01 -5.47 19.73
C PRO C 180 16.60 -4.05 19.34
N GLU C 181 17.52 -3.30 18.77
CA GLU C 181 17.18 -1.97 18.28
C GLU C 181 16.15 -2.09 17.17
N LEU C 182 15.21 -1.15 17.13
CA LEU C 182 14.20 -1.13 16.08
C LEU C 182 14.37 0.08 15.18
N ALA C 183 14.29 -0.16 13.88
CA ALA C 183 14.43 0.91 12.89
C ALA C 183 13.31 1.92 12.99
N VAL C 184 13.68 3.16 13.32
N VAL C 184 13.64 3.15 13.36
CA VAL C 184 12.73 4.26 13.43
CA VAL C 184 12.65 4.20 13.38
C VAL C 184 12.90 5.21 12.25
C VAL C 184 12.88 5.11 12.19
N HIS C 185 11.80 5.65 11.67
CA HIS C 185 11.85 6.49 10.50
C HIS C 185 11.25 7.85 10.79
N ILE C 186 12.10 8.86 10.77
CA ILE C 186 11.70 10.24 11.00
C ILE C 186 11.76 11.00 9.69
N PRO C 187 10.64 11.65 9.31
CA PRO C 187 10.53 12.40 8.06
C PRO C 187 11.64 13.43 7.86
N GLU C 188 11.96 13.70 6.60
CA GLU C 188 13.03 14.61 6.25
C GLU C 188 12.53 16.06 6.20
CL CL D . 22.59 6.64 -44.34
C1 EDO E . 5.23 19.18 -8.68
O1 EDO E . 6.47 19.75 -8.29
C2 EDO E . 4.35 18.99 -7.43
O2 EDO E . 3.11 18.37 -7.81
C1 EDO F . -4.70 13.39 -21.69
O1 EDO F . -4.67 14.30 -22.79
C2 EDO F . -4.95 11.97 -22.20
O2 EDO F . -5.55 11.19 -21.16
CL CL G . -44.53 -2.85 2.85
C1 EDO H . -3.59 -9.42 6.70
O1 EDO H . -3.98 -10.69 6.14
C2 EDO H . -2.15 -9.09 6.32
O2 EDO H . -1.26 -9.98 7.01
CL CL I . 0.61 4.92 51.34
#